data_6KYU
#
_entry.id   6KYU
#
_cell.length_a   82.468
_cell.length_b   82.468
_cell.length_c   112.507
_cell.angle_alpha   90.000
_cell.angle_beta   90.000
_cell.angle_gamma   120.000
#
_symmetry.space_group_name_H-M   'P 62'
#
loop_
_entity.id
_entity.type
_entity.pdbx_description
1 polymer 'MHC class I antigen'
2 polymer Beta-2-microglobulin
3 polymer peptide
4 water water
#
loop_
_entity_poly.entity_id
_entity_poly.type
_entity_poly.pdbx_seq_one_letter_code
_entity_poly.pdbx_strand_id
1 'polypeptide(L)'
;EPHSLRYFDTGVSDPSPGVPRFVSVGYVDGHLIDHYDSETQRTEPRADWFAANTDQQYWDRQTEISRGAEQIFRLDLETL
RERYNQSRGSHTWQLMYGCDLLEDGSTRGFRQYGYEGRDFVAFDKDTLTFTAADAGAQITKRKWEQEGTDAERWKFYLEN
TCIEGLRKYVSYGKDVLERRERPEVQVSGMEADKILTLSCRAHGFYPRPISISWLKDGMVQEQETKRGSTVPNSDGTYHI
WATIDVLPGERDKYQCRVEHASLPQPGLFSW
;
A
2 'polypeptide(L)'
;GQAKAAPKVQVYSRHPATAGTENILNCYVEGFHPPKIDIALLKNGEPMKDVKYNDMSFGDDWTFQRLVYAPFTPTKSDVY
TCRVDHEAFTEPQSFRWEPDF
;
B
3 'polypeptide(L)' LRKRQLTVL C
#
# COMPACT_ATOMS: atom_id res chain seq x y z
N GLU A 1 -17.12 -10.36 -2.34
CA GLU A 1 -17.08 -11.78 -1.99
C GLU A 1 -15.67 -12.37 -2.12
N PRO A 2 -14.68 -11.81 -2.85
CA PRO A 2 -13.31 -12.33 -2.74
C PRO A 2 -12.60 -11.85 -1.47
N HIS A 3 -11.58 -12.61 -1.06
CA HIS A 3 -10.85 -12.32 0.21
C HIS A 3 -9.40 -12.75 0.05
N SER A 4 -8.54 -12.15 0.88
CA SER A 4 -7.09 -12.41 0.81
C SER A 4 -6.47 -12.35 2.19
N LEU A 5 -5.53 -13.27 2.43
CA LEU A 5 -4.60 -13.19 3.59
C LEU A 5 -3.19 -13.09 3.04
N ARG A 6 -2.42 -12.06 3.41
CA ARG A 6 -1.06 -11.93 2.90
C ARG A 6 -0.15 -11.56 4.05
N TYR A 7 1.01 -12.17 4.11
CA TYR A 7 2.11 -11.79 5.01
C TYR A 7 3.25 -11.24 4.18
N PHE A 8 3.81 -10.12 4.61
CA PHE A 8 5.02 -9.52 3.99
C PHE A 8 6.15 -9.49 5.00
N ASP A 9 7.24 -10.16 4.70
CA ASP A 9 8.48 -10.16 5.52
C ASP A 9 9.54 -9.41 4.74
N THR A 10 10.14 -8.40 5.34
CA THR A 10 11.11 -7.51 4.68
C THR A 10 12.31 -7.33 5.58
N GLY A 11 13.50 -7.56 5.03
CA GLY A 11 14.77 -7.32 5.71
C GLY A 11 15.62 -6.35 4.92
N VAL A 12 16.32 -5.46 5.62
CA VAL A 12 17.32 -4.57 4.98
C VAL A 12 18.64 -4.77 5.70
N SER A 13 19.70 -4.61 4.93
CA SER A 13 21.08 -4.65 5.49
C SER A 13 21.42 -3.35 6.22
N ASP A 14 20.75 -2.22 5.94
CA ASP A 14 21.10 -0.89 6.50
C ASP A 14 19.80 -0.18 6.89
N PRO A 15 19.37 -0.38 8.16
CA PRO A 15 18.12 0.21 8.61
C PRO A 15 18.15 1.72 8.61
N SER A 16 16.98 2.36 8.56
CA SER A 16 16.85 3.81 8.53
C SER A 16 15.56 4.20 9.22
N PRO A 17 15.22 5.48 9.34
CA PRO A 17 14.00 5.88 10.01
C PRO A 17 12.74 5.33 9.34
N GLY A 18 11.94 4.57 10.11
CA GLY A 18 10.73 3.95 9.53
C GLY A 18 11.03 2.62 8.86
N VAL A 19 12.30 2.22 8.82
CA VAL A 19 12.68 0.94 8.15
C VAL A 19 13.54 0.15 9.11
N PRO A 20 12.91 -0.63 10.00
CA PRO A 20 13.63 -1.56 10.84
C PRO A 20 14.41 -2.60 10.05
N ARG A 21 15.41 -3.21 10.70
CA ARG A 21 16.19 -4.30 10.07
C ARG A 21 15.27 -5.41 9.54
N PHE A 22 14.19 -5.76 10.26
CA PHE A 22 13.24 -6.81 9.85
C PHE A 22 11.85 -6.40 10.26
N VAL A 23 10.89 -6.58 9.38
CA VAL A 23 9.44 -6.36 9.65
C VAL A 23 8.67 -7.54 9.10
N SER A 24 7.63 -7.99 9.80
CA SER A 24 6.63 -8.95 9.29
C SER A 24 5.26 -8.37 9.54
N VAL A 25 4.44 -8.22 8.52
CA VAL A 25 3.07 -7.66 8.70
C VAL A 25 2.07 -8.57 7.99
N GLY A 26 0.88 -8.68 8.58
CA GLY A 26 -0.24 -9.40 7.96
C GLY A 26 -1.33 -8.47 7.50
N TYR A 27 -2.01 -8.85 6.43
CA TYR A 27 -3.13 -8.08 5.85
C TYR A 27 -4.26 -9.06 5.52
N VAL A 28 -5.46 -8.68 5.90
CA VAL A 28 -6.71 -9.38 5.52
C VAL A 28 -7.50 -8.44 4.61
N ASP A 29 -7.71 -8.82 3.35
CA ASP A 29 -8.46 -8.00 2.35
C ASP A 29 -7.81 -6.62 2.30
N GLY A 30 -6.49 -6.56 2.42
CA GLY A 30 -5.77 -5.28 2.33
C GLY A 30 -5.75 -4.48 3.63
N HIS A 31 -6.47 -4.91 4.68
CA HIS A 31 -6.45 -4.27 6.02
C HIS A 31 -5.30 -4.79 6.88
N LEU A 32 -4.45 -3.91 7.41
CA LEU A 32 -3.36 -4.32 8.32
C LEU A 32 -3.98 -4.99 9.54
N ILE A 33 -3.53 -6.18 9.88
CA ILE A 33 -4.03 -6.89 11.09
C ILE A 33 -2.96 -7.09 12.16
N ASP A 34 -1.67 -7.12 11.83
CA ASP A 34 -0.66 -7.35 12.88
C ASP A 34 0.69 -6.86 12.38
N HIS A 35 1.62 -6.81 13.31
CA HIS A 35 2.94 -6.24 13.04
C HIS A 35 3.98 -6.85 13.96
N TYR A 36 5.11 -7.27 13.42
CA TYR A 36 6.33 -7.62 14.18
C TYR A 36 7.46 -6.77 13.63
N ASP A 37 8.38 -6.30 14.45
CA ASP A 37 9.64 -5.81 13.88
C ASP A 37 10.80 -6.11 14.81
N SER A 38 11.98 -5.94 14.30
CA SER A 38 13.23 -6.28 15.00
C SER A 38 13.38 -5.39 16.24
N GLU A 39 12.75 -4.24 16.32
CA GLU A 39 12.85 -3.35 17.51
C GLU A 39 11.93 -3.85 18.62
N THR A 40 10.70 -4.23 18.31
CA THR A 40 9.71 -4.67 19.35
C THR A 40 10.01 -6.11 19.73
N GLN A 41 10.49 -6.93 18.78
CA GLN A 41 10.73 -8.38 18.98
C GLN A 41 9.45 -9.13 19.34
N ARG A 42 8.29 -8.60 18.98
CA ARG A 42 7.04 -9.37 19.20
C ARG A 42 6.00 -8.95 18.16
N THR A 43 5.10 -9.89 17.90
CA THR A 43 3.98 -9.67 16.98
C THR A 43 2.77 -9.19 17.77
N GLU A 44 2.21 -8.05 17.36
CA GLU A 44 1.02 -7.50 18.04
C GLU A 44 -0.06 -7.17 17.04
N PRO A 45 -1.32 -7.18 17.46
CA PRO A 45 -2.43 -6.82 16.59
C PRO A 45 -2.41 -5.31 16.28
N ARG A 46 -2.95 -5.01 15.10
CA ARG A 46 -3.04 -3.64 14.56
C ARG A 46 -4.47 -3.29 14.16
N ALA A 47 -5.41 -4.16 14.42
CA ALA A 47 -6.84 -3.90 14.24
C ALA A 47 -7.56 -4.49 15.44
N ASP A 48 -8.40 -3.68 16.08
CA ASP A 48 -9.07 -4.14 17.32
C ASP A 48 -10.02 -5.28 17.00
N TRP A 49 -10.60 -5.34 15.79
CA TRP A 49 -11.48 -6.50 15.46
C TRP A 49 -10.69 -7.79 15.44
N PHE A 50 -9.41 -7.71 15.14
CA PHE A 50 -8.52 -8.90 15.13
C PHE A 50 -8.09 -9.18 16.58
N ALA A 51 -7.67 -8.15 17.32
CA ALA A 51 -7.26 -8.25 18.74
C ALA A 51 -8.36 -8.91 19.58
N ALA A 52 -9.61 -8.52 19.34
CA ALA A 52 -10.74 -9.00 20.16
C ALA A 52 -11.00 -10.48 19.90
N ASN A 53 -10.45 -11.07 18.84
CA ASN A 53 -10.75 -12.49 18.50
C ASN A 53 -9.51 -13.37 18.59
N THR A 54 -8.43 -12.85 19.17
CA THR A 54 -7.18 -13.62 19.33
C THR A 54 -6.74 -13.56 20.80
N ASP A 55 -5.73 -14.33 21.14
CA ASP A 55 -5.32 -14.46 22.55
C ASP A 55 -3.81 -14.56 22.64
N GLN A 56 -3.30 -14.66 23.86
CA GLN A 56 -1.84 -14.55 24.10
C GLN A 56 -1.13 -15.72 23.41
N GLN A 57 -1.72 -16.90 23.43
CA GLN A 57 -1.11 -18.11 22.83
C GLN A 57 -0.94 -17.84 21.34
N TYR A 58 -1.93 -17.24 20.71
CA TYR A 58 -1.90 -16.90 19.27
C TYR A 58 -0.72 -15.97 19.03
N TRP A 59 -0.58 -14.90 19.78
CA TRP A 59 0.47 -13.89 19.53
C TRP A 59 1.85 -14.50 19.83
N ASP A 60 1.98 -15.29 20.86
CA ASP A 60 3.28 -15.92 21.18
C ASP A 60 3.68 -16.81 20.01
N ARG A 61 2.73 -17.51 19.39
CA ARG A 61 3.06 -18.37 18.22
C ARG A 61 3.52 -17.46 17.06
N GLN A 62 2.81 -16.39 16.78
CA GLN A 62 3.23 -15.49 15.69
C GLN A 62 4.61 -14.92 16.01
N THR A 63 4.90 -14.60 17.25
CA THR A 63 6.19 -14.02 17.67
C THR A 63 7.31 -15.03 17.46
N GLU A 64 7.10 -16.28 17.88
CA GLU A 64 8.12 -17.34 17.70
C GLU A 64 8.39 -17.47 16.21
N ILE A 65 7.37 -17.47 15.36
CA ILE A 65 7.60 -17.67 13.91
C ILE A 65 8.34 -16.47 13.34
N SER A 66 7.96 -15.27 13.74
CA SER A 66 8.59 -14.04 13.20
C SER A 66 10.04 -13.91 13.68
N ARG A 67 10.35 -14.30 14.91
CA ARG A 67 11.74 -14.29 15.40
C ARG A 67 12.57 -15.27 14.57
N GLY A 68 12.02 -16.41 14.21
CA GLY A 68 12.68 -17.39 13.35
C GLY A 68 12.94 -16.82 11.98
N ALA A 69 11.95 -16.13 11.42
CA ALA A 69 12.10 -15.49 10.10
C ALA A 69 13.20 -14.44 10.15
N GLU A 70 13.19 -13.61 11.18
CA GLU A 70 14.22 -12.57 11.35
C GLU A 70 15.62 -13.18 11.28
N GLN A 71 15.82 -14.31 11.94
CA GLN A 71 17.15 -14.99 11.93
C GLN A 71 17.46 -15.43 10.49
N ILE A 72 16.49 -16.03 9.83
CA ILE A 72 16.67 -16.53 8.44
C ILE A 72 16.98 -15.34 7.53
N PHE A 73 16.29 -14.23 7.67
CA PHE A 73 16.51 -13.07 6.76
C PHE A 73 17.93 -12.53 6.91
N ARG A 74 18.51 -12.58 8.10
CA ARG A 74 19.88 -12.05 8.31
C ARG A 74 20.86 -12.95 7.54
N LEU A 75 20.66 -14.25 7.64
CA LEU A 75 21.52 -15.21 6.90
C LEU A 75 21.31 -15.04 5.39
N ASP A 76 20.05 -14.92 4.94
CA ASP A 76 19.76 -14.84 3.49
C ASP A 76 20.36 -13.56 2.89
N LEU A 77 20.29 -12.41 3.57
CA LEU A 77 20.89 -11.17 3.02
C LEU A 77 22.37 -11.44 2.74
N GLU A 78 23.07 -12.12 3.63
CA GLU A 78 24.52 -12.34 3.39
C GLU A 78 24.67 -13.35 2.26
N THR A 79 23.86 -14.41 2.21
CA THR A 79 23.91 -15.39 1.09
C THR A 79 23.72 -14.63 -0.25
N LEU A 80 22.76 -13.71 -0.31
CA LEU A 80 22.46 -12.99 -1.58
C LEU A 80 23.58 -12.04 -1.94
N ARG A 81 24.20 -11.40 -0.95
CA ARG A 81 25.29 -10.46 -1.22
C ARG A 81 26.44 -11.26 -1.86
N GLU A 82 26.73 -12.43 -1.35
CA GLU A 82 27.78 -13.30 -1.92
C GLU A 82 27.34 -13.84 -3.29
N ARG A 83 26.08 -14.26 -3.44
CA ARG A 83 25.54 -14.82 -4.71
C ARG A 83 25.79 -13.88 -5.87
N TYR A 84 25.59 -12.59 -5.65
CA TYR A 84 25.67 -11.53 -6.65
C TYR A 84 27.02 -10.80 -6.62
N ASN A 85 28.00 -11.29 -5.85
CA ASN A 85 29.35 -10.66 -5.79
C ASN A 85 29.22 -9.16 -5.49
N GLN A 86 28.39 -8.77 -4.53
CA GLN A 86 28.14 -7.36 -4.18
C GLN A 86 28.97 -6.93 -2.99
N SER A 87 29.25 -5.64 -2.96
CA SER A 87 29.80 -5.00 -1.75
C SER A 87 28.76 -4.95 -0.65
N ARG A 88 29.20 -4.78 0.58
CA ARG A 88 28.26 -4.48 1.70
C ARG A 88 27.69 -3.07 1.43
N GLY A 89 26.48 -2.85 1.89
CA GLY A 89 25.81 -1.55 1.73
C GLY A 89 24.35 -1.74 2.03
N SER A 90 23.54 -1.18 1.15
CA SER A 90 22.08 -1.10 1.31
C SER A 90 21.46 -2.09 0.36
N HIS A 91 20.82 -3.10 0.91
CA HIS A 91 20.20 -4.23 0.19
C HIS A 91 18.87 -4.54 0.85
N THR A 92 17.90 -5.06 0.09
CA THR A 92 16.57 -5.41 0.58
C THR A 92 16.19 -6.81 0.14
N TRP A 93 15.67 -7.62 1.05
CA TRP A 93 15.20 -9.00 0.78
C TRP A 93 13.77 -9.09 1.26
N GLN A 94 12.87 -9.60 0.44
CA GLN A 94 11.44 -9.59 0.73
C GLN A 94 10.82 -10.92 0.37
N LEU A 95 9.81 -11.24 1.15
CA LEU A 95 8.91 -12.40 0.92
C LEU A 95 7.49 -11.92 1.03
N MET A 96 6.61 -12.29 0.12
CA MET A 96 5.15 -12.18 0.28
C MET A 96 4.56 -13.59 0.12
N TYR A 97 3.70 -13.99 1.03
CA TYR A 97 3.00 -15.28 0.90
C TYR A 97 1.59 -15.13 1.43
N GLY A 98 0.75 -16.09 1.03
CA GLY A 98 -0.63 -16.15 1.56
C GLY A 98 -1.56 -16.74 0.55
N CYS A 99 -2.84 -16.39 0.69
CA CYS A 99 -3.89 -17.14 -0.01
C CYS A 99 -5.04 -16.23 -0.34
N ASP A 100 -5.73 -16.54 -1.43
CA ASP A 100 -6.93 -15.82 -1.90
C ASP A 100 -8.08 -16.82 -1.92
N LEU A 101 -9.26 -16.34 -1.57
CA LEU A 101 -10.57 -17.01 -1.82
C LEU A 101 -11.22 -16.17 -2.91
N LEU A 102 -11.47 -16.74 -4.06
CA LEU A 102 -11.99 -15.97 -5.23
C LEU A 102 -13.52 -16.07 -5.33
N GLU A 103 -14.05 -15.32 -6.30
CA GLU A 103 -15.51 -15.08 -6.49
C GLU A 103 -16.22 -16.40 -6.81
N ASP A 104 -15.53 -17.34 -7.46
CA ASP A 104 -16.07 -18.68 -7.80
C ASP A 104 -15.92 -19.68 -6.64
N GLY A 105 -15.37 -19.28 -5.49
CA GLY A 105 -15.19 -20.15 -4.32
C GLY A 105 -13.88 -20.91 -4.42
N SER A 106 -13.10 -20.66 -5.47
CA SER A 106 -11.79 -21.33 -5.67
C SER A 106 -10.71 -20.57 -4.90
N THR A 107 -9.55 -21.18 -4.78
CA THR A 107 -8.47 -20.61 -3.92
C THR A 107 -7.20 -20.52 -4.74
N ARG A 108 -6.30 -19.62 -4.34
CA ARG A 108 -4.95 -19.45 -4.91
C ARG A 108 -3.98 -19.31 -3.74
N GLY A 109 -2.75 -19.75 -3.95
CA GLY A 109 -1.67 -19.68 -2.95
C GLY A 109 -0.48 -18.98 -3.54
N PHE A 110 0.22 -18.22 -2.70
CA PHE A 110 1.34 -17.37 -3.12
C PHE A 110 2.51 -17.59 -2.18
N ARG A 111 3.70 -17.62 -2.76
CA ARG A 111 4.99 -17.56 -2.02
C ARG A 111 6.05 -17.06 -2.98
N GLN A 112 6.43 -15.80 -2.85
CA GLN A 112 7.32 -15.16 -3.83
C GLN A 112 8.29 -14.26 -3.07
N TYR A 113 9.46 -14.15 -3.67
CA TYR A 113 10.59 -13.43 -3.08
C TYR A 113 11.10 -12.37 -4.04
N GLY A 114 11.58 -11.28 -3.47
CA GLY A 114 12.15 -10.14 -4.18
C GLY A 114 13.46 -9.73 -3.59
N TYR A 115 14.49 -9.58 -4.42
CA TYR A 115 15.79 -9.08 -3.96
C TYR A 115 16.05 -7.75 -4.69
N GLU A 116 16.37 -6.70 -3.94
CA GLU A 116 16.72 -5.36 -4.50
C GLU A 116 15.54 -4.83 -5.30
N GLY A 117 14.30 -5.18 -4.93
CA GLY A 117 13.10 -4.66 -5.58
C GLY A 117 12.74 -5.40 -6.85
N ARG A 118 13.39 -6.53 -7.10
CA ARG A 118 13.21 -7.30 -8.35
C ARG A 118 12.75 -8.71 -8.01
N ASP A 119 11.83 -9.27 -8.78
CA ASP A 119 11.48 -10.69 -8.57
C ASP A 119 12.72 -11.57 -8.56
N PHE A 120 12.78 -12.49 -7.62
CA PHE A 120 13.95 -13.38 -7.45
C PHE A 120 13.52 -14.84 -7.73
N VAL A 121 12.65 -15.38 -6.90
CA VAL A 121 12.15 -16.77 -7.05
C VAL A 121 10.73 -16.81 -6.53
N ALA A 122 9.95 -17.70 -7.09
CA ALA A 122 8.55 -17.89 -6.67
C ALA A 122 8.20 -19.35 -6.67
N PHE A 123 7.34 -19.72 -5.76
CA PHE A 123 6.88 -21.11 -5.55
C PHE A 123 5.49 -21.26 -6.15
N ASP A 124 5.26 -22.36 -6.89
CA ASP A 124 3.94 -22.73 -7.45
C ASP A 124 3.46 -23.98 -6.70
N LYS A 125 2.57 -23.80 -5.74
CA LYS A 125 2.15 -24.90 -4.84
C LYS A 125 1.35 -25.95 -5.63
N ASP A 126 0.73 -25.53 -6.75
CA ASP A 126 -0.11 -26.45 -7.56
C ASP A 126 0.77 -27.51 -8.21
N THR A 127 2.03 -27.19 -8.50
CA THR A 127 3.02 -28.05 -9.23
C THR A 127 4.23 -28.37 -8.37
N LEU A 128 4.35 -27.81 -7.15
CA LEU A 128 5.51 -27.99 -6.25
C LEU A 128 6.85 -27.55 -6.90
N THR A 129 6.82 -26.59 -7.83
CA THR A 129 8.00 -26.10 -8.56
C THR A 129 8.35 -24.70 -8.10
N PHE A 130 9.62 -24.35 -8.19
CA PHE A 130 10.12 -22.94 -8.05
C PHE A 130 10.49 -22.39 -9.42
N THR A 131 10.14 -21.13 -9.68
CA THR A 131 10.52 -20.42 -10.92
C THR A 131 11.53 -19.33 -10.56
N ALA A 132 12.70 -19.36 -11.19
CA ALA A 132 13.73 -18.31 -11.05
C ALA A 132 13.37 -17.18 -11.99
N ALA A 133 13.12 -15.99 -11.48
CA ALA A 133 12.82 -14.80 -12.30
C ALA A 133 14.12 -14.10 -12.69
N ASP A 134 15.19 -14.36 -11.97
CA ASP A 134 16.52 -13.76 -12.26
C ASP A 134 17.48 -14.92 -12.45
N ALA A 135 18.50 -14.78 -13.29
CA ALA A 135 19.51 -15.85 -13.47
C ALA A 135 20.15 -16.24 -12.14
N GLY A 136 20.42 -15.30 -11.22
CA GLY A 136 21.10 -15.58 -9.96
C GLY A 136 20.24 -16.40 -9.01
N ALA A 137 18.97 -16.58 -9.34
CA ALA A 137 18.05 -17.41 -8.53
C ALA A 137 18.02 -18.88 -9.00
N GLN A 138 18.59 -19.20 -10.15
CA GLN A 138 18.60 -20.61 -10.65
C GLN A 138 19.27 -21.54 -9.64
N ILE A 139 20.34 -21.14 -8.97
CA ILE A 139 21.03 -21.94 -7.92
C ILE A 139 20.02 -22.24 -6.82
N THR A 140 19.21 -21.27 -6.43
CA THR A 140 18.21 -21.43 -5.35
C THR A 140 17.09 -22.35 -5.82
N LYS A 141 16.59 -22.18 -7.03
CA LYS A 141 15.55 -23.08 -7.58
C LYS A 141 16.07 -24.52 -7.44
N ARG A 142 17.31 -24.79 -7.84
CA ARG A 142 17.82 -26.19 -7.81
C ARG A 142 17.92 -26.66 -6.37
N LYS A 143 18.41 -25.84 -5.46
CA LYS A 143 18.55 -26.23 -4.03
C LYS A 143 17.17 -26.55 -3.45
N TRP A 144 16.21 -25.65 -3.64
CA TRP A 144 14.91 -25.71 -2.95
C TRP A 144 13.98 -26.76 -3.57
N GLU A 145 14.24 -27.19 -4.80
CA GLU A 145 13.41 -28.24 -5.44
C GLU A 145 13.77 -29.61 -4.90
N GLN A 146 14.97 -29.78 -4.36
CA GLN A 146 15.40 -31.01 -3.64
C GLN A 146 14.71 -31.11 -2.26
N GLU A 147 14.14 -30.02 -1.71
CA GLU A 147 13.55 -29.98 -0.34
C GLU A 147 12.04 -30.26 -0.44
N GLY A 148 11.72 -31.50 -0.84
CA GLY A 148 10.37 -31.96 -1.16
C GLY A 148 9.47 -31.89 0.06
N THR A 149 9.94 -32.29 1.25
CA THR A 149 9.06 -32.32 2.45
C THR A 149 8.69 -30.88 2.80
N ASP A 150 9.66 -29.96 2.70
CA ASP A 150 9.35 -28.55 3.03
C ASP A 150 8.33 -27.99 2.05
N ALA A 151 8.45 -28.28 0.76
CA ALA A 151 7.51 -27.82 -0.28
C ALA A 151 6.12 -28.36 0.05
N GLU A 152 6.03 -29.64 0.42
CA GLU A 152 4.73 -30.26 0.77
C GLU A 152 4.12 -29.55 1.99
N ARG A 153 4.92 -29.17 2.98
CA ARG A 153 4.41 -28.42 4.15
C ARG A 153 3.86 -27.07 3.69
N TRP A 154 4.54 -26.41 2.76
CA TRP A 154 4.05 -25.10 2.24
C TRP A 154 2.75 -25.30 1.49
N LYS A 155 2.69 -26.32 0.64
CA LYS A 155 1.44 -26.60 -0.11
C LYS A 155 0.27 -26.84 0.83
N PHE A 156 0.46 -27.68 1.86
CA PHE A 156 -0.63 -27.98 2.78
C PHE A 156 -1.08 -26.71 3.49
N TYR A 157 -0.11 -25.90 3.91
CA TYR A 157 -0.43 -24.62 4.59
C TYR A 157 -1.23 -23.70 3.65
N LEU A 158 -0.73 -23.50 2.43
CA LEU A 158 -1.37 -22.52 1.51
C LEU A 158 -2.80 -23.00 1.19
N GLU A 159 -3.02 -24.30 1.07
CA GLU A 159 -4.33 -24.79 0.57
C GLU A 159 -5.32 -24.94 1.72
N ASN A 160 -4.86 -25.19 2.95
CA ASN A 160 -5.75 -25.63 4.05
C ASN A 160 -5.65 -24.60 5.18
N THR A 161 -4.53 -24.60 5.88
CA THR A 161 -4.31 -23.79 7.09
C THR A 161 -4.57 -22.29 6.83
N CYS A 162 -3.95 -21.77 5.77
CA CYS A 162 -4.04 -20.34 5.38
C CYS A 162 -5.51 -19.94 5.10
N ILE A 163 -6.21 -20.74 4.30
CA ILE A 163 -7.62 -20.44 3.92
C ILE A 163 -8.53 -20.60 5.14
N GLU A 164 -8.32 -21.65 5.95
CA GLU A 164 -9.10 -21.87 7.18
C GLU A 164 -8.99 -20.62 8.05
N GLY A 165 -7.79 -20.07 8.21
CA GLY A 165 -7.62 -18.84 8.99
C GLY A 165 -8.30 -17.67 8.32
N LEU A 166 -8.10 -17.47 7.02
CA LEU A 166 -8.72 -16.35 6.31
C LEU A 166 -10.24 -16.38 6.55
N ARG A 167 -10.88 -17.54 6.45
CA ARG A 167 -12.36 -17.57 6.55
C ARG A 167 -12.74 -17.11 7.94
N LYS A 168 -11.98 -17.49 8.95
CA LYS A 168 -12.30 -17.05 10.32
C LYS A 168 -12.10 -15.54 10.41
N TYR A 169 -11.00 -15.05 9.85
CA TYR A 169 -10.62 -13.63 10.04
C TYR A 169 -11.66 -12.73 9.35
N VAL A 170 -12.14 -13.15 8.19
CA VAL A 170 -13.20 -12.40 7.45
C VAL A 170 -14.46 -12.30 8.33
N SER A 171 -14.78 -13.36 9.06
CA SER A 171 -15.92 -13.34 10.02
C SER A 171 -15.61 -12.36 11.18
N TYR A 172 -14.39 -12.34 11.71
CA TYR A 172 -14.03 -11.44 12.84
C TYR A 172 -14.22 -9.98 12.38
N GLY A 173 -13.86 -9.69 11.14
CA GLY A 173 -13.81 -8.32 10.60
C GLY A 173 -15.08 -7.85 9.94
N LYS A 174 -16.16 -8.62 9.97
CA LYS A 174 -17.37 -8.39 9.12
C LYS A 174 -17.86 -6.94 9.23
N ASP A 175 -18.00 -6.41 10.44
CA ASP A 175 -18.56 -5.06 10.67
C ASP A 175 -17.68 -4.00 10.00
N VAL A 176 -16.37 -4.19 9.93
CA VAL A 176 -15.44 -3.18 9.36
C VAL A 176 -15.31 -3.42 7.87
N LEU A 177 -15.10 -4.67 7.47
CA LEU A 177 -14.77 -5.01 6.07
C LEU A 177 -15.97 -4.72 5.16
N GLU A 178 -17.18 -4.93 5.65
CA GLU A 178 -18.44 -4.87 4.84
C GLU A 178 -19.08 -3.50 4.92
N ARG A 179 -18.46 -2.55 5.60
CA ARG A 179 -19.11 -1.23 5.75
C ARG A 179 -19.08 -0.50 4.40
N ARG A 180 -19.96 0.47 4.26
CA ARG A 180 -20.03 1.35 3.07
C ARG A 180 -20.07 2.78 3.54
N GLU A 181 -19.19 3.61 3.00
CA GLU A 181 -19.17 5.06 3.28
C GLU A 181 -19.22 5.82 1.96
N ARG A 182 -20.15 6.76 1.85
CA ARG A 182 -20.37 7.49 0.59
C ARG A 182 -19.27 8.49 0.33
N PRO A 183 -18.90 8.72 -0.95
CA PRO A 183 -18.03 9.84 -1.30
C PRO A 183 -18.73 11.18 -1.07
N GLU A 184 -17.98 12.13 -0.51
CA GLU A 184 -18.36 13.57 -0.45
C GLU A 184 -17.61 14.22 -1.60
N VAL A 185 -18.32 14.71 -2.60
CA VAL A 185 -17.70 15.15 -3.89
C VAL A 185 -17.69 16.67 -3.95
N GLN A 186 -16.57 17.25 -4.34
CA GLN A 186 -16.48 18.70 -4.61
C GLN A 186 -15.87 18.94 -5.97
N VAL A 187 -16.49 19.84 -6.72
CA VAL A 187 -15.94 20.31 -8.02
C VAL A 187 -15.37 21.71 -7.81
N SER A 188 -14.16 21.91 -8.31
CA SER A 188 -13.51 23.23 -8.27
C SER A 188 -12.99 23.60 -9.65
N GLY A 189 -12.73 24.88 -9.88
CA GLY A 189 -12.32 25.36 -11.21
C GLY A 189 -11.23 26.39 -11.10
N MET A 190 -10.28 26.37 -12.04
CA MET A 190 -9.15 27.34 -12.07
C MET A 190 -8.99 27.81 -13.51
N GLU A 191 -9.14 29.12 -13.77
CA GLU A 191 -8.89 29.73 -15.12
C GLU A 191 -7.48 30.30 -15.15
N ALA A 192 -6.69 30.02 -16.19
CA ALA A 192 -5.26 30.41 -16.27
C ALA A 192 -4.94 31.25 -17.51
N ASP A 193 -5.33 30.77 -18.71
CA ASP A 193 -4.91 31.39 -19.99
C ASP A 193 -5.89 30.98 -21.09
N LYS A 194 -7.15 31.40 -20.98
CA LYS A 194 -8.31 30.88 -21.77
C LYS A 194 -8.31 29.34 -21.75
N ILE A 195 -7.74 28.75 -20.69
CA ILE A 195 -7.98 27.34 -20.28
C ILE A 195 -8.65 27.32 -18.89
N LEU A 196 -9.77 26.62 -18.75
CA LEU A 196 -10.44 26.37 -17.44
C LEU A 196 -10.15 24.92 -17.06
N THR A 197 -9.45 24.72 -15.95
CA THR A 197 -9.17 23.37 -15.39
C THR A 197 -10.26 23.08 -14.35
N LEU A 198 -11.05 22.05 -14.66
CA LEU A 198 -12.10 21.56 -13.73
C LEU A 198 -11.53 20.38 -12.97
N SER A 199 -11.68 20.41 -11.66
CA SER A 199 -11.23 19.34 -10.75
C SER A 199 -12.40 18.78 -9.97
N CYS A 200 -12.55 17.46 -9.99
CA CYS A 200 -13.53 16.72 -9.20
C CYS A 200 -12.75 15.91 -8.18
N ARG A 201 -13.10 16.03 -6.91
CA ARG A 201 -12.47 15.23 -5.86
C ARG A 201 -13.53 14.53 -5.04
N ALA A 202 -13.34 13.22 -4.86
CA ALA A 202 -14.24 12.38 -4.07
C ALA A 202 -13.54 12.06 -2.76
N HIS A 203 -14.19 12.32 -1.64
CA HIS A 203 -13.55 12.25 -0.30
C HIS A 203 -14.25 11.25 0.60
N GLY A 204 -13.54 10.36 1.28
CA GLY A 204 -14.11 9.62 2.39
C GLY A 204 -14.92 8.41 1.99
N PHE A 205 -14.68 7.83 0.83
CA PHE A 205 -15.49 6.68 0.39
C PHE A 205 -14.87 5.35 0.86
N TYR A 206 -15.71 4.33 1.02
CA TYR A 206 -15.26 2.98 1.35
C TYR A 206 -16.35 2.05 0.83
N PRO A 207 -16.02 0.93 0.14
CA PRO A 207 -14.66 0.44 -0.11
C PRO A 207 -13.89 1.21 -1.19
N ARG A 208 -12.66 0.78 -1.45
CA ARG A 208 -11.69 1.44 -2.35
C ARG A 208 -12.17 1.58 -3.78
N PRO A 209 -12.80 0.57 -4.42
CA PRO A 209 -13.14 0.71 -5.83
C PRO A 209 -14.14 1.86 -6.08
N ILE A 210 -13.84 2.64 -7.11
CA ILE A 210 -14.65 3.81 -7.51
C ILE A 210 -14.45 4.07 -8.98
N SER A 211 -15.46 4.69 -9.60
CA SER A 211 -15.34 5.16 -10.98
C SER A 211 -15.60 6.67 -11.02
N ILE A 212 -14.66 7.42 -11.57
CA ILE A 212 -14.81 8.89 -11.67
C ILE A 212 -14.51 9.27 -13.10
N SER A 213 -15.37 10.08 -13.70
CA SER A 213 -15.19 10.46 -15.11
C SER A 213 -15.71 11.88 -15.30
N TRP A 214 -15.19 12.54 -16.31
CA TRP A 214 -15.72 13.84 -16.79
C TRP A 214 -16.55 13.64 -18.04
N LEU A 215 -17.69 14.31 -18.08
CA LEU A 215 -18.65 14.28 -19.19
C LEU A 215 -18.80 15.67 -19.82
N LYS A 216 -18.90 15.70 -21.15
CA LYS A 216 -19.26 16.91 -21.94
C LYS A 216 -20.58 16.61 -22.64
N ASP A 217 -21.65 17.28 -22.24
CA ASP A 217 -23.02 17.05 -22.77
C ASP A 217 -23.34 15.55 -22.60
N GLY A 218 -22.98 15.02 -21.44
CA GLY A 218 -23.27 13.63 -21.05
C GLY A 218 -22.29 12.63 -21.62
N MET A 219 -21.35 13.05 -22.48
CA MET A 219 -20.45 12.12 -23.17
C MET A 219 -19.09 12.05 -22.47
N VAL A 220 -18.64 10.85 -22.13
CA VAL A 220 -17.36 10.67 -21.40
C VAL A 220 -16.19 11.22 -22.22
N GLN A 221 -15.31 11.95 -21.55
CA GLN A 221 -14.10 12.56 -22.15
C GLN A 221 -12.87 11.80 -21.64
N GLU A 222 -12.67 10.54 -22.02
CA GLU A 222 -11.61 9.72 -21.39
C GLU A 222 -10.21 10.22 -21.78
N GLN A 223 -9.98 10.57 -23.05
CA GLN A 223 -8.63 10.97 -23.53
C GLN A 223 -8.25 12.30 -22.89
N GLU A 224 -9.23 13.11 -22.50
CA GLU A 224 -9.00 14.47 -21.97
C GLU A 224 -8.93 14.45 -20.43
N THR A 225 -9.34 13.36 -19.81
CA THR A 225 -9.37 13.25 -18.33
C THR A 225 -8.00 12.83 -17.80
N LYS A 226 -7.53 13.53 -16.79
CA LYS A 226 -6.37 13.13 -15.96
C LYS A 226 -6.94 12.61 -14.64
N ARG A 227 -6.51 11.45 -14.16
CA ARG A 227 -7.04 10.91 -12.88
C ARG A 227 -5.91 10.44 -12.00
N GLY A 228 -6.02 10.69 -10.70
CA GLY A 228 -5.03 10.22 -9.73
C GLY A 228 -5.33 8.78 -9.33
N SER A 229 -4.34 8.11 -8.77
CA SER A 229 -4.53 6.80 -8.13
C SER A 229 -5.43 6.99 -6.89
N THR A 230 -6.14 5.96 -6.52
CA THR A 230 -6.97 6.01 -5.30
C THR A 230 -5.98 5.93 -4.14
N VAL A 231 -6.14 6.82 -3.16
CA VAL A 231 -5.21 6.92 -2.02
C VAL A 231 -5.99 6.96 -0.73
N PRO A 232 -5.38 6.48 0.37
CA PRO A 232 -6.10 6.34 1.63
C PRO A 232 -6.10 7.57 2.55
N ASN A 233 -7.19 7.72 3.27
CA ASN A 233 -7.24 8.66 4.40
C ASN A 233 -6.81 7.98 5.70
N SER A 234 -6.63 8.80 6.73
CA SER A 234 -6.16 8.31 8.05
C SER A 234 -7.17 7.38 8.76
N ASP A 235 -8.43 7.37 8.34
CA ASP A 235 -9.51 6.54 8.93
C ASP A 235 -9.80 5.31 8.06
N GLY A 236 -9.01 5.06 7.03
CA GLY A 236 -9.13 3.85 6.17
C GLY A 236 -10.17 4.02 5.10
N THR A 237 -10.80 5.18 4.97
CA THR A 237 -11.55 5.54 3.76
C THR A 237 -10.57 5.99 2.66
N TYR A 238 -11.08 6.44 1.51
CA TYR A 238 -10.24 6.74 0.35
C TYR A 238 -10.57 8.09 -0.25
N HIS A 239 -9.71 8.50 -1.20
CA HIS A 239 -9.77 9.77 -1.94
C HIS A 239 -9.41 9.54 -3.41
N ILE A 240 -10.06 10.22 -4.33
CA ILE A 240 -9.58 10.21 -5.75
C ILE A 240 -9.87 11.57 -6.38
N TRP A 241 -9.06 11.99 -7.34
CA TRP A 241 -9.28 13.24 -8.10
C TRP A 241 -9.30 12.93 -9.59
N ALA A 242 -10.04 13.72 -10.34
CA ALA A 242 -10.02 13.74 -11.81
C ALA A 242 -10.07 15.18 -12.29
N THR A 243 -9.29 15.51 -13.32
CA THR A 243 -9.28 16.88 -13.89
C THR A 243 -9.51 16.82 -15.39
N ILE A 244 -10.01 17.93 -15.93
CA ILE A 244 -10.13 18.11 -17.38
C ILE A 244 -9.93 19.59 -17.70
N ASP A 245 -9.27 19.87 -18.81
CA ASP A 245 -9.06 21.24 -19.32
C ASP A 245 -10.09 21.49 -20.42
N VAL A 246 -10.82 22.60 -20.30
CA VAL A 246 -11.97 22.94 -21.18
C VAL A 246 -11.88 24.43 -21.56
N LEU A 247 -12.60 24.79 -22.60
CA LEU A 247 -12.81 26.21 -23.00
C LEU A 247 -13.68 26.85 -21.94
N PRO A 248 -13.25 27.99 -21.34
CA PRO A 248 -14.05 28.64 -20.30
C PRO A 248 -15.50 28.88 -20.73
N GLY A 249 -15.72 29.27 -21.97
CA GLY A 249 -17.07 29.50 -22.52
C GLY A 249 -17.96 28.27 -22.58
N GLU A 250 -17.39 27.06 -22.48
CA GLU A 250 -18.12 25.77 -22.57
C GLU A 250 -18.29 25.13 -21.18
N ARG A 251 -17.98 25.86 -20.10
CA ARG A 251 -18.02 25.31 -18.73
C ARG A 251 -19.36 24.65 -18.44
N ASP A 252 -20.50 25.14 -18.97
CA ASP A 252 -21.82 24.59 -18.56
C ASP A 252 -22.09 23.24 -19.20
N LYS A 253 -21.22 22.77 -20.08
CA LYS A 253 -21.40 21.45 -20.77
C LYS A 253 -20.87 20.33 -19.87
N TYR A 254 -20.09 20.63 -18.83
CA TYR A 254 -19.27 19.62 -18.11
C TYR A 254 -19.87 19.23 -16.77
N GLN A 255 -19.90 17.92 -16.52
CA GLN A 255 -20.26 17.34 -15.20
C GLN A 255 -19.30 16.21 -14.85
N CYS A 256 -18.99 16.06 -13.59
CA CYS A 256 -18.20 14.94 -13.04
C CYS A 256 -19.22 13.84 -12.71
N ARG A 257 -18.93 12.59 -13.07
CA ARG A 257 -19.78 11.40 -12.78
C ARG A 257 -19.03 10.46 -11.84
N VAL A 258 -19.63 10.16 -10.70
CA VAL A 258 -19.02 9.24 -9.71
C VAL A 258 -19.95 8.05 -9.53
N GLU A 259 -19.37 6.87 -9.60
CA GLU A 259 -20.10 5.61 -9.33
C GLU A 259 -19.34 4.87 -8.24
N HIS A 260 -20.08 4.39 -7.26
CA HIS A 260 -19.50 3.71 -6.07
C HIS A 260 -20.53 2.78 -5.45
N ALA A 261 -20.10 1.71 -4.77
CA ALA A 261 -21.07 0.72 -4.24
C ALA A 261 -22.00 1.35 -3.21
N SER A 262 -21.59 2.40 -2.51
CA SER A 262 -22.41 3.08 -1.49
C SER A 262 -23.60 3.86 -2.09
N LEU A 263 -23.56 4.17 -3.39
CA LEU A 263 -24.49 5.12 -4.05
C LEU A 263 -25.58 4.33 -4.75
N PRO A 264 -26.85 4.76 -4.62
CA PRO A 264 -27.95 4.09 -5.30
C PRO A 264 -28.11 4.42 -6.79
N GLN A 265 -27.40 5.44 -7.28
CA GLN A 265 -27.34 5.85 -8.68
C GLN A 265 -26.06 6.63 -8.86
N PRO A 266 -25.65 6.93 -10.09
CA PRO A 266 -24.45 7.73 -10.29
C PRO A 266 -24.63 9.12 -9.71
N GLY A 267 -23.56 9.65 -9.10
CA GLY A 267 -23.55 11.04 -8.66
C GLY A 267 -23.11 11.87 -9.83
N LEU A 268 -23.86 12.93 -10.17
CA LEU A 268 -23.47 13.90 -11.23
C LEU A 268 -23.31 15.27 -10.57
N PHE A 269 -22.18 15.90 -10.82
CA PHE A 269 -21.74 17.12 -10.09
C PHE A 269 -21.27 18.15 -11.11
N SER A 270 -21.77 19.37 -10.92
CA SER A 270 -21.41 20.59 -11.69
C SER A 270 -20.56 21.51 -10.80
N TRP A 271 -19.67 22.27 -11.43
CA TRP A 271 -19.00 23.40 -10.74
C TRP A 271 -20.04 24.47 -10.32
N GLY B 1 19.56 -4.13 -12.45
CA GLY B 1 20.12 -3.40 -11.30
C GLY B 1 19.14 -3.34 -10.15
N GLN B 2 19.61 -2.90 -8.98
CA GLN B 2 18.71 -2.62 -7.83
C GLN B 2 17.65 -1.64 -8.33
N ALA B 3 16.40 -1.85 -7.96
CA ALA B 3 15.35 -0.88 -8.31
C ALA B 3 15.72 0.47 -7.64
N LYS B 4 15.50 1.54 -8.36
CA LYS B 4 15.63 2.94 -7.88
C LYS B 4 14.40 3.67 -8.37
N ALA B 5 13.29 3.33 -7.75
CA ALA B 5 11.94 3.72 -8.20
C ALA B 5 11.54 5.00 -7.46
N ALA B 6 11.25 6.05 -8.21
CA ALA B 6 10.94 7.39 -7.68
C ALA B 6 9.59 7.36 -6.98
N PRO B 7 9.47 7.96 -5.78
CA PRO B 7 8.17 8.16 -5.16
C PRO B 7 7.22 8.99 -6.02
N LYS B 8 5.97 8.50 -6.04
CA LYS B 8 4.80 9.20 -6.61
C LYS B 8 4.01 9.75 -5.43
N VAL B 9 3.69 11.03 -5.49
CA VAL B 9 3.15 11.73 -4.30
C VAL B 9 1.82 12.40 -4.61
N GLN B 10 0.87 12.23 -3.69
CA GLN B 10 -0.39 13.01 -3.72
C GLN B 10 -0.55 13.73 -2.39
N VAL B 11 -1.04 14.96 -2.48
CA VAL B 11 -1.31 15.82 -1.31
C VAL B 11 -2.79 16.19 -1.41
N TYR B 12 -3.55 15.92 -0.35
CA TYR B 12 -5.03 15.99 -0.46
C TYR B 12 -5.59 16.16 0.92
N SER B 13 -6.76 16.75 1.00
CA SER B 13 -7.45 16.92 2.30
C SER B 13 -8.45 15.81 2.54
N ARG B 14 -8.70 15.50 3.81
CA ARG B 14 -9.67 14.46 4.15
C ARG B 14 -11.06 14.82 3.68
N HIS B 15 -11.46 16.07 3.92
CA HIS B 15 -12.81 16.56 3.59
C HIS B 15 -12.66 17.58 2.49
N PRO B 16 -13.73 17.85 1.72
CA PRO B 16 -13.67 18.94 0.78
C PRO B 16 -13.21 20.25 1.41
N ALA B 17 -12.30 20.94 0.74
CA ALA B 17 -11.63 22.14 1.30
C ALA B 17 -12.64 23.28 1.40
N THR B 18 -12.77 23.86 2.57
CA THR B 18 -13.56 25.09 2.78
C THR B 18 -12.66 26.03 3.54
N ALA B 19 -12.31 27.18 2.96
CA ALA B 19 -11.43 28.17 3.64
C ALA B 19 -11.98 28.37 5.05
N GLY B 20 -11.14 28.24 6.08
CA GLY B 20 -11.55 28.50 7.48
C GLY B 20 -12.09 27.30 8.24
N THR B 21 -12.27 26.11 7.65
CA THR B 21 -12.94 24.95 8.28
C THR B 21 -11.93 23.83 8.62
N GLU B 22 -12.07 23.24 9.80
CA GLU B 22 -11.20 22.16 10.34
C GLU B 22 -11.09 21.00 9.33
N ASN B 23 -9.87 20.49 9.13
CA ASN B 23 -9.66 19.44 8.12
C ASN B 23 -8.40 18.66 8.52
N ILE B 24 -8.04 17.71 7.70
CA ILE B 24 -6.79 16.92 7.83
C ILE B 24 -6.06 16.96 6.48
N LEU B 25 -4.80 17.26 6.54
CA LEU B 25 -3.92 17.27 5.36
C LEU B 25 -3.17 15.96 5.29
N ASN B 26 -3.30 15.32 4.13
CA ASN B 26 -2.66 14.00 3.86
C ASN B 26 -1.57 14.15 2.79
N CYS B 27 -0.46 13.45 2.99
CA CYS B 27 0.55 13.23 1.95
C CYS B 27 0.70 11.72 1.84
N TYR B 28 0.43 11.18 0.65
CA TYR B 28 0.64 9.74 0.40
C TYR B 28 1.73 9.55 -0.65
N VAL B 29 2.68 8.72 -0.28
CA VAL B 29 3.89 8.49 -1.09
C VAL B 29 3.94 7.01 -1.45
N GLU B 30 4.04 6.67 -2.73
CA GLU B 30 3.91 5.27 -3.20
C GLU B 30 4.83 4.99 -4.35
N GLY B 31 5.00 3.70 -4.64
CA GLY B 31 5.72 3.39 -5.88
C GLY B 31 7.21 3.35 -5.73
N PHE B 32 7.78 3.48 -4.54
CA PHE B 32 9.22 3.73 -4.36
C PHE B 32 9.94 2.47 -3.89
N HIS B 33 11.23 2.43 -4.23
CA HIS B 33 12.17 1.41 -3.78
C HIS B 33 13.55 2.03 -3.94
N PRO B 34 14.49 1.92 -2.99
CA PRO B 34 14.37 1.18 -1.73
C PRO B 34 13.46 1.85 -0.70
N PRO B 35 13.22 1.18 0.44
CA PRO B 35 12.25 1.72 1.42
C PRO B 35 12.69 2.98 2.18
N LYS B 36 13.99 3.26 2.26
CA LYS B 36 14.48 4.47 2.95
C LYS B 36 13.85 5.70 2.34
N ILE B 37 13.22 6.58 3.15
CA ILE B 37 12.57 7.79 2.63
C ILE B 37 12.32 8.74 3.81
N ASP B 38 12.30 10.02 3.51
CA ASP B 38 11.97 11.07 4.47
C ASP B 38 10.86 11.92 3.88
N ILE B 39 9.80 12.10 4.67
CA ILE B 39 8.57 12.82 4.29
C ILE B 39 8.29 13.86 5.37
N ALA B 40 8.04 15.10 4.97
CA ALA B 40 7.69 16.19 5.89
C ALA B 40 6.52 16.99 5.36
N LEU B 41 5.60 17.35 6.25
CA LEU B 41 4.52 18.33 5.97
C LEU B 41 4.91 19.71 6.46
N LEU B 42 4.75 20.69 5.58
CA LEU B 42 5.21 22.07 5.80
C LEU B 42 4.04 23.04 5.53
N LYS B 43 4.01 24.11 6.33
CA LYS B 43 3.08 25.23 6.17
C LYS B 43 3.92 26.48 5.95
N ASN B 44 3.81 27.10 4.79
CA ASN B 44 4.73 28.20 4.42
C ASN B 44 6.20 27.76 4.62
N GLY B 45 6.59 26.51 4.25
CA GLY B 45 7.98 26.02 4.39
C GLY B 45 8.41 25.65 5.81
N GLU B 46 7.57 25.85 6.83
CA GLU B 46 7.93 25.50 8.22
C GLU B 46 7.17 24.28 8.70
N PRO B 47 7.71 23.59 9.72
CA PRO B 47 7.20 22.30 10.13
C PRO B 47 5.77 22.43 10.66
N MET B 48 4.89 21.54 10.26
CA MET B 48 3.52 21.53 10.79
C MET B 48 3.50 20.83 12.15
N LYS B 49 2.54 21.24 12.98
CA LYS B 49 2.31 20.60 14.29
C LYS B 49 1.47 19.33 14.17
N ASP B 50 1.66 18.39 15.09
CA ASP B 50 0.74 17.26 15.33
C ASP B 50 0.70 16.31 14.12
N VAL B 51 1.84 16.12 13.49
CA VAL B 51 1.92 15.18 12.34
C VAL B 51 1.98 13.74 12.84
N LYS B 52 1.28 12.83 12.19
CA LYS B 52 1.39 11.41 12.43
C LYS B 52 1.98 10.76 11.17
N TYR B 53 2.81 9.76 11.40
CA TYR B 53 3.52 9.05 10.33
C TYR B 53 3.11 7.61 10.47
N ASN B 54 2.26 7.11 9.59
CA ASN B 54 1.90 5.69 9.62
C ASN B 54 3.10 4.82 9.20
N ASP B 55 3.12 3.60 9.74
CA ASP B 55 4.17 2.65 9.32
C ASP B 55 4.03 2.39 7.82
N MET B 56 5.14 2.11 7.18
CA MET B 56 5.10 1.81 5.75
C MET B 56 4.24 0.55 5.49
N SER B 57 3.65 0.54 4.31
CA SER B 57 2.98 -0.66 3.78
C SER B 57 3.72 -1.19 2.56
N PHE B 58 3.30 -2.38 2.12
CA PHE B 58 4.13 -3.18 1.19
C PHE B 58 3.31 -3.60 -0.04
N GLY B 59 3.85 -3.41 -1.22
CA GLY B 59 3.26 -3.85 -2.50
C GLY B 59 3.83 -5.20 -2.95
N ASP B 60 3.07 -5.96 -3.73
CA ASP B 60 3.50 -7.29 -4.25
C ASP B 60 4.57 -7.09 -5.33
N ASP B 61 4.84 -5.85 -5.75
CA ASP B 61 5.87 -5.49 -6.74
C ASP B 61 7.10 -4.91 -6.05
N TRP B 62 7.21 -5.10 -4.75
CA TRP B 62 8.45 -4.80 -3.98
C TRP B 62 8.62 -3.28 -3.85
N THR B 63 7.53 -2.57 -4.00
CA THR B 63 7.52 -1.12 -3.69
C THR B 63 6.82 -0.89 -2.36
N PHE B 64 6.95 0.34 -1.86
CA PHE B 64 6.45 0.69 -0.53
C PHE B 64 5.52 1.90 -0.63
N GLN B 65 4.74 2.09 0.43
CA GLN B 65 3.87 3.26 0.53
C GLN B 65 3.92 3.77 1.96
N ARG B 66 3.73 5.08 2.11
CA ARG B 66 3.60 5.72 3.44
C ARG B 66 2.58 6.84 3.38
N LEU B 67 1.74 6.92 4.41
CA LEU B 67 0.79 8.01 4.63
C LEU B 67 1.29 8.88 5.79
N VAL B 68 1.28 10.19 5.60
CA VAL B 68 1.65 11.19 6.63
C VAL B 68 0.50 12.19 6.69
N TYR B 69 0.06 12.56 7.88
CA TYR B 69 -1.12 13.44 7.98
C TYR B 69 -1.10 14.32 9.21
N ALA B 70 -1.77 15.47 9.14
CA ALA B 70 -1.76 16.45 10.25
C ALA B 70 -3.07 17.24 10.18
N PRO B 71 -3.56 17.75 11.31
CA PRO B 71 -4.67 18.71 11.27
C PRO B 71 -4.26 20.00 10.54
N PHE B 72 -5.18 20.57 9.77
CA PHE B 72 -4.97 21.94 9.21
C PHE B 72 -6.32 22.62 9.03
N THR B 73 -6.31 23.95 9.02
CA THR B 73 -7.45 24.82 8.67
C THR B 73 -7.03 25.65 7.45
N PRO B 74 -7.31 25.16 6.24
CA PRO B 74 -6.79 25.81 5.03
C PRO B 74 -7.37 27.21 4.89
N THR B 75 -6.53 28.18 4.52
CA THR B 75 -6.90 29.58 4.23
C THR B 75 -6.68 29.82 2.73
N LYS B 76 -7.05 31.01 2.25
CA LYS B 76 -6.98 31.41 0.83
C LYS B 76 -5.52 31.39 0.39
N SER B 77 -4.65 31.82 1.29
CA SER B 77 -3.30 32.34 0.97
C SER B 77 -2.20 31.39 1.44
N ASP B 78 -2.48 30.49 2.38
CA ASP B 78 -1.41 29.65 2.98
C ASP B 78 -0.90 28.63 1.96
N VAL B 79 0.35 28.21 2.10
CA VAL B 79 0.96 27.25 1.15
C VAL B 79 1.36 26.00 1.94
N TYR B 80 0.66 24.89 1.69
CA TYR B 80 0.98 23.60 2.36
C TYR B 80 1.68 22.72 1.35
N THR B 81 2.78 22.11 1.75
CA THR B 81 3.57 21.24 0.89
C THR B 81 3.97 19.99 1.66
N CYS B 82 4.27 18.97 0.87
CA CYS B 82 4.86 17.70 1.31
C CYS B 82 6.23 17.59 0.65
N ARG B 83 7.25 17.53 1.46
CA ARG B 83 8.66 17.47 0.99
C ARG B 83 9.20 16.06 1.14
N VAL B 84 9.66 15.46 0.05
CA VAL B 84 10.10 14.04 0.01
C VAL B 84 11.56 13.93 -0.42
N ASP B 85 12.33 13.22 0.37
CA ASP B 85 13.76 12.90 0.12
C ASP B 85 13.83 11.39 -0.09
N HIS B 86 14.37 10.99 -1.25
CA HIS B 86 14.51 9.57 -1.62
C HIS B 86 15.74 9.47 -2.52
N GLU B 87 16.35 8.30 -2.55
CA GLU B 87 17.58 8.15 -3.39
C GLU B 87 17.27 8.28 -4.88
N ALA B 88 16.02 8.10 -5.33
CA ALA B 88 15.66 8.24 -6.75
C ALA B 88 15.71 9.72 -7.17
N PHE B 89 15.75 10.65 -6.22
CA PHE B 89 15.84 12.10 -6.47
C PHE B 89 17.22 12.63 -6.08
N THR B 90 17.77 13.59 -6.84
CA THR B 90 19.02 14.27 -6.48
C THR B 90 18.80 15.24 -5.34
N GLU B 91 17.67 15.93 -5.38
CA GLU B 91 17.35 16.91 -4.33
C GLU B 91 15.94 16.60 -3.86
N PRO B 92 15.62 16.86 -2.59
CA PRO B 92 14.26 16.65 -2.11
C PRO B 92 13.25 17.43 -2.93
N GLN B 93 12.12 16.79 -3.17
CA GLN B 93 11.04 17.30 -4.04
C GLN B 93 9.89 17.77 -3.18
N SER B 94 9.29 18.88 -3.57
CA SER B 94 8.14 19.50 -2.87
C SER B 94 6.90 19.34 -3.72
N PHE B 95 5.81 19.00 -3.07
CA PHE B 95 4.50 18.75 -3.69
C PHE B 95 3.50 19.62 -2.97
N ARG B 96 2.74 20.44 -3.70
CA ARG B 96 1.85 21.45 -3.10
C ARG B 96 0.44 20.87 -2.95
N TRP B 97 -0.20 21.18 -1.83
CA TRP B 97 -1.64 21.00 -1.69
C TRP B 97 -2.34 22.07 -2.54
N GLU B 98 -3.10 21.65 -3.55
CA GLU B 98 -3.81 22.60 -4.43
C GLU B 98 -5.04 23.08 -3.67
N PRO B 99 -5.18 24.40 -3.49
CA PRO B 99 -6.34 24.94 -2.78
C PRO B 99 -7.60 24.65 -3.63
N LEU C 1 -2.77 -16.61 10.12
CA LEU C 1 -1.68 -17.20 10.95
C LEU C 1 -0.51 -17.48 10.02
N ARG C 2 0.70 -17.18 10.49
CA ARG C 2 1.91 -17.29 9.66
C ARG C 2 2.31 -18.74 9.42
N LYS C 3 3.16 -18.91 8.41
CA LYS C 3 3.85 -20.19 8.12
C LYS C 3 5.27 -20.08 8.66
N ARG C 4 5.74 -21.16 9.29
CA ARG C 4 7.14 -21.21 9.75
C ARG C 4 8.07 -21.32 8.55
N GLN C 5 9.11 -20.51 8.50
CA GLN C 5 10.16 -20.61 7.45
C GLN C 5 11.23 -21.57 7.97
N LEU C 6 11.52 -22.64 7.24
CA LEU C 6 12.38 -23.75 7.74
C LEU C 6 13.58 -23.96 6.83
N THR C 7 13.75 -23.12 5.81
CA THR C 7 14.89 -23.25 4.89
C THR C 7 15.57 -21.90 4.70
N VAL C 8 16.84 -21.98 4.38
CA VAL C 8 17.67 -20.81 4.06
C VAL C 8 18.04 -20.90 2.58
N LEU C 9 18.42 -19.76 2.01
CA LEU C 9 19.16 -19.78 0.71
C LEU C 9 20.50 -20.51 0.86
#